data_4JB7
#
_entry.id   4JB7
#
_cell.length_a   72.343
_cell.length_b   72.343
_cell.length_c   87.883
_cell.angle_alpha   90.00
_cell.angle_beta   90.00
_cell.angle_gamma   90.00
#
_symmetry.space_group_name_H-M   'P 41 21 2'
#
loop_
_entity.id
_entity.type
_entity.pdbx_description
1 polymer 'Accessory colonization factor AcfC'
2 non-polymer D-MALATE
3 non-polymer 2-AMINO-2-HYDROXYMETHYL-PROPANE-1,3-DIOL
4 non-polymer 'TRIETHYLENE GLYCOL'
5 water water
#
_entity_poly.entity_id   1
_entity_poly.type   'polypeptide(L)'
_entity_poly.pdbx_seq_one_letter_code
;(MSE)HHHHHHSSGVDLGTENLYFQSNADVNLYGPGGPHVPLIKVAESFEKSQSKRVNITFGPQATWNDKAKKNADILFG
ASEHSALAIAEGHSERFSKFNIHPVF(MSE)REAIILVKKGNPKNIKG(MSE)ADLLKPGIGIVVNDGAGVSNTSGTAVW
EDSVGR(MSE)KNVEKLQAFRSNIHVFAPNSGSARKAFVDGEDIDAWITWVDWAIANPTIGD(MSE)VR(MSE)EDEYRI
YRDFNVVLAKNPSSEAIDFFDYLTKSKDAEAIFQHYGWFK
;
_entity_poly.pdbx_strand_id   A
#
# COMPACT_ATOMS: atom_id res chain seq x y z
N ALA A 24 -1.45 23.90 7.73
CA ALA A 24 -0.77 22.91 8.60
C ALA A 24 0.73 23.23 8.72
N ASP A 25 1.31 22.82 9.84
CA ASP A 25 2.73 23.02 10.11
C ASP A 25 3.56 21.94 9.41
N VAL A 26 3.00 20.74 9.29
CA VAL A 26 3.68 19.62 8.64
C VAL A 26 2.75 19.03 7.57
N ASN A 27 3.29 18.85 6.37
CA ASN A 27 2.55 18.26 5.27
C ASN A 27 3.20 16.98 4.76
N LEU A 28 2.41 15.91 4.78
CA LEU A 28 2.82 14.62 4.24
C LEU A 28 2.00 14.30 3.01
N TYR A 29 2.65 13.66 2.05
CA TYR A 29 2.01 13.23 0.81
C TYR A 29 2.40 11.77 0.53
N GLY A 30 1.48 10.99 -0.03
CA GLY A 30 1.74 9.62 -0.34
C GLY A 30 0.50 8.96 -0.93
N PRO A 31 0.62 7.67 -1.25
CA PRO A 31 -0.51 6.96 -1.84
C PRO A 31 -1.68 6.75 -0.89
N GLY A 32 -2.85 6.55 -1.48
CA GLY A 32 -3.96 6.11 -0.69
C GLY A 32 -3.71 4.71 -0.08
N GLY A 33 -4.21 4.54 1.14
CA GLY A 33 -4.18 3.28 1.87
C GLY A 33 -3.64 3.50 3.26
N PRO A 34 -2.33 3.71 3.38
CA PRO A 34 -1.74 3.95 4.70
C PRO A 34 -2.20 5.25 5.35
N HIS A 35 -2.94 6.10 4.60
CA HIS A 35 -3.45 7.33 5.19
C HIS A 35 -4.38 7.04 6.36
N VAL A 36 -5.02 5.88 6.41
CA VAL A 36 -5.97 5.62 7.48
C VAL A 36 -5.26 5.60 8.85
N PRO A 37 -4.26 4.73 9.06
CA PRO A 37 -3.55 4.82 10.34
C PRO A 37 -2.73 6.12 10.45
N LEU A 38 -2.19 6.61 9.33
CA LEU A 38 -1.33 7.80 9.38
C LEU A 38 -2.10 9.01 9.91
N ILE A 39 -3.35 9.18 9.49
CA ILE A 39 -4.20 10.26 9.98
C ILE A 39 -4.44 10.11 11.49
N LYS A 40 -4.67 8.86 11.95
CA LYS A 40 -4.89 8.63 13.38
C LYS A 40 -3.61 8.95 14.16
N VAL A 41 -2.43 8.68 13.58
CA VAL A 41 -1.16 9.07 14.20
C VAL A 41 -1.05 10.61 14.28
N ALA A 42 -1.43 11.27 13.20
CA ALA A 42 -1.45 12.73 13.13
C ALA A 42 -2.37 13.30 14.21
N GLU A 43 -3.56 12.70 14.36
CA GLU A 43 -4.55 13.12 15.36
C GLU A 43 -4.05 12.91 16.79
N SER A 44 -3.35 11.81 17.02
CA SER A 44 -2.78 11.51 18.33
C SER A 44 -1.71 12.54 18.67
N PHE A 45 -0.86 12.84 17.69
CA PHE A 45 0.20 13.84 17.82
C PHE A 45 -0.39 15.23 18.12
N GLU A 46 -1.45 15.59 17.39
CA GLU A 46 -2.13 16.88 17.57
C GLU A 46 -2.82 17.01 18.94
N LYS A 47 -3.22 15.89 19.55
CA LYS A 47 -3.85 15.93 20.87
C LYS A 47 -2.84 16.29 21.95
N SER A 48 -1.58 15.89 21.73
CA SER A 48 -0.53 16.06 22.74
C SER A 48 0.28 17.34 22.67
N GLN A 49 0.29 18.01 21.52
CA GLN A 49 1.07 19.23 21.36
C GLN A 49 0.33 20.23 20.41
N SER A 50 0.95 21.34 20.06
CA SER A 50 0.23 22.43 19.36
C SER A 50 0.33 22.48 17.85
N LYS A 51 1.27 21.74 17.26
CA LYS A 51 1.44 21.80 15.80
C LYS A 51 0.40 20.94 15.08
N ARG A 52 0.01 21.41 13.89
CA ARG A 52 -0.97 20.74 13.01
C ARG A 52 -0.29 19.96 11.87
N VAL A 53 -0.83 18.78 11.57
CA VAL A 53 -0.26 17.85 10.59
C VAL A 53 -1.32 17.45 9.56
N ASN A 54 -1.01 17.68 8.29
CA ASN A 54 -1.91 17.40 7.18
C ASN A 54 -1.40 16.23 6.37
N ILE A 55 -2.30 15.28 6.14
CA ILE A 55 -2.00 14.12 5.33
C ILE A 55 -2.77 14.22 4.01
N THR A 56 -2.04 14.38 2.91
CA THR A 56 -2.64 14.35 1.55
C THR A 56 -2.33 12.99 0.97
N PHE A 57 -3.34 12.37 0.38
CA PHE A 57 -3.24 10.98 -0.06
C PHE A 57 -4.02 10.72 -1.32
N GLY A 58 -3.56 9.72 -2.05
CA GLY A 58 -4.18 9.26 -3.28
C GLY A 58 -3.11 9.00 -4.33
N PRO A 59 -3.52 8.74 -5.58
CA PRO A 59 -2.55 8.54 -6.62
C PRO A 59 -1.61 9.75 -6.75
N GLN A 60 -0.34 9.50 -7.01
CA GLN A 60 0.65 10.56 -7.16
C GLN A 60 0.18 11.71 -8.02
N ALA A 61 -0.38 11.44 -9.18
CA ALA A 61 -0.78 12.51 -10.08
C ALA A 61 -1.79 13.48 -9.49
N THR A 62 -2.55 13.05 -8.47
CA THR A 62 -3.53 13.93 -7.85
C THR A 62 -2.93 14.99 -6.94
N TRP A 63 -1.69 14.79 -6.47
CA TRP A 63 -1.06 15.73 -5.53
C TRP A 63 0.39 16.13 -5.83
N ASN A 64 1.00 15.60 -6.88
CA ASN A 64 2.42 15.79 -7.13
C ASN A 64 2.84 17.24 -7.15
N ASP A 65 2.08 18.07 -7.84
CA ASP A 65 2.40 19.50 -7.94
C ASP A 65 2.26 20.23 -6.59
N LYS A 66 1.35 19.78 -5.73
N LYS A 66 1.35 19.77 -5.75
CA LYS A 66 1.18 20.37 -4.42
CA LYS A 66 1.15 20.35 -4.43
C LYS A 66 2.34 19.98 -3.51
C LYS A 66 2.32 19.97 -3.52
N ALA A 67 2.77 18.72 -3.61
CA ALA A 67 3.94 18.27 -2.85
C ALA A 67 5.19 19.09 -3.23
N LYS A 68 5.34 19.46 -4.50
CA LYS A 68 6.44 20.32 -4.93
C LYS A 68 6.46 21.61 -4.17
N LYS A 69 5.29 22.13 -3.82
CA LYS A 69 5.24 23.40 -3.12
C LYS A 69 5.47 23.32 -1.62
N ASN A 70 5.01 22.28 -0.93
CA ASN A 70 5.12 22.29 0.54
C ASN A 70 5.33 20.94 1.25
N ALA A 71 5.64 19.88 0.53
CA ALA A 71 5.86 18.59 1.20
C ALA A 71 7.04 18.63 2.17
N ASP A 72 6.81 18.12 3.38
CA ASP A 72 7.86 17.92 4.38
C ASP A 72 8.34 16.47 4.40
N ILE A 73 7.42 15.54 4.15
CA ILE A 73 7.70 14.12 4.21
C ILE A 73 6.87 13.42 3.14
N LEU A 74 7.50 12.50 2.39
CA LEU A 74 6.78 11.64 1.47
C LEU A 74 6.68 10.26 2.09
N PHE A 75 5.46 9.72 2.15
CA PHE A 75 5.27 8.36 2.65
C PHE A 75 5.01 7.42 1.51
N GLY A 76 5.43 6.16 1.69
CA GLY A 76 5.27 5.14 0.67
C GLY A 76 4.68 3.84 1.17
N ALA A 77 4.11 3.09 0.23
CA ALA A 77 3.45 1.83 0.50
C ALA A 77 4.19 0.58 -0.03
N SER A 78 5.37 0.81 -0.58
CA SER A 78 6.36 -0.21 -0.91
C SER A 78 7.68 0.51 -1.16
N GLU A 79 8.75 -0.26 -1.27
CA GLU A 79 10.07 0.30 -1.56
C GLU A 79 10.16 0.81 -3.00
N HIS A 80 9.78 0.00 -3.99
CA HIS A 80 9.92 0.43 -5.37
C HIS A 80 9.02 1.62 -5.67
N SER A 81 7.77 1.63 -5.18
CA SER A 81 6.89 2.74 -5.50
C SER A 81 7.39 4.02 -4.84
N ALA A 82 7.91 3.91 -3.61
CA ALA A 82 8.44 5.08 -2.93
C ALA A 82 9.64 5.67 -3.66
N LEU A 83 10.50 4.82 -4.19
N LEU A 83 10.51 4.81 -4.19
CA LEU A 83 11.66 5.27 -4.92
CA LEU A 83 11.67 5.25 -4.95
C LEU A 83 11.23 6.01 -6.18
C LEU A 83 11.24 6.01 -6.19
N ALA A 84 10.28 5.44 -6.93
CA ALA A 84 9.81 6.10 -8.16
C ALA A 84 9.17 7.45 -7.86
N ILE A 85 8.40 7.53 -6.79
CA ILE A 85 7.78 8.79 -6.39
C ILE A 85 8.82 9.82 -5.92
N ALA A 86 9.74 9.39 -5.06
CA ALA A 86 10.76 10.29 -4.55
C ALA A 86 11.66 10.84 -5.64
N GLU A 87 11.95 10.04 -6.66
N GLU A 87 11.94 10.07 -6.67
N GLU A 87 11.92 10.04 -6.67
CA GLU A 87 12.76 10.49 -7.80
CA GLU A 87 12.76 10.55 -7.75
CA GLU A 87 12.70 10.46 -7.85
C GLU A 87 12.12 11.69 -8.52
C GLU A 87 12.09 11.63 -8.61
C GLU A 87 12.12 11.73 -8.45
N GLY A 88 10.80 11.85 -8.37
CA GLY A 88 10.10 13.00 -8.94
C GLY A 88 10.26 14.29 -8.11
N HIS A 89 10.94 14.16 -6.96
CA HIS A 89 11.15 15.24 -6.01
C HIS A 89 12.58 15.25 -5.49
N SER A 90 13.56 14.89 -6.33
CA SER A 90 14.95 14.66 -5.88
C SER A 90 15.65 15.87 -5.29
N GLU A 91 15.19 17.06 -5.67
CA GLU A 91 15.73 18.32 -5.17
C GLU A 91 15.52 18.48 -3.66
N ARG A 92 14.49 17.84 -3.14
CA ARG A 92 14.18 17.90 -1.72
C ARG A 92 14.23 16.60 -1.00
N PHE A 93 14.07 15.49 -1.70
CA PHE A 93 14.04 14.19 -1.07
C PHE A 93 15.05 13.28 -1.72
N SER A 94 15.87 12.64 -0.90
CA SER A 94 16.86 11.71 -1.41
C SER A 94 16.39 10.25 -1.34
N LYS A 95 16.55 9.52 -2.44
CA LYS A 95 16.23 8.09 -2.45
C LYS A 95 17.05 7.32 -1.42
N PHE A 96 18.21 7.83 -1.04
CA PHE A 96 19.04 7.17 -0.04
C PHE A 96 18.50 7.33 1.38
N ASN A 97 17.54 8.24 1.56
CA ASN A 97 16.98 8.56 2.89
C ASN A 97 15.57 8.01 3.14
N ILE A 98 15.05 7.21 2.20
CA ILE A 98 13.80 6.51 2.41
C ILE A 98 14.02 5.51 3.54
N HIS A 99 13.17 5.62 4.54
CA HIS A 99 13.29 4.86 5.78
C HIS A 99 12.15 3.89 6.01
N PRO A 100 12.44 2.57 5.97
CA PRO A 100 11.42 1.59 6.32
C PRO A 100 10.94 1.74 7.74
N VAL A 101 9.62 1.68 7.98
CA VAL A 101 9.10 1.82 9.36
C VAL A 101 8.32 0.60 9.82
N PHE A 102 7.38 0.15 9.00
CA PHE A 102 6.54 -1.01 9.31
C PHE A 102 6.45 -1.86 8.06
N ARG A 104 3.85 -5.25 6.17
CA ARG A 104 2.62 -6.04 6.26
C ARG A 104 2.55 -7.02 5.11
N GLU A 105 1.70 -8.02 5.29
CA GLU A 105 1.50 -9.04 4.28
C GLU A 105 0.46 -8.71 3.24
N ALA A 106 0.71 -9.18 2.02
CA ALA A 106 -0.29 -9.21 0.97
C ALA A 106 -1.32 -10.27 1.35
N ILE A 107 -2.57 -10.06 0.94
CA ILE A 107 -3.67 -10.98 1.20
C ILE A 107 -4.52 -11.16 -0.05
N ILE A 108 -5.43 -12.12 0.04
CA ILE A 108 -6.42 -12.32 -0.99
C ILE A 108 -7.75 -11.78 -0.47
N LEU A 109 -8.27 -10.72 -1.08
CA LEU A 109 -9.59 -10.22 -0.76
C LEU A 109 -10.60 -11.03 -1.55
N VAL A 110 -11.55 -11.66 -0.87
CA VAL A 110 -12.61 -12.46 -1.51
C VAL A 110 -13.96 -11.82 -1.23
N LYS A 111 -14.96 -12.19 -2.01
CA LYS A 111 -16.30 -11.64 -1.80
C LYS A 111 -16.82 -12.06 -0.43
N LYS A 112 -17.67 -11.23 0.17
CA LYS A 112 -18.19 -11.49 1.50
C LYS A 112 -18.81 -12.88 1.59
N GLY A 113 -18.40 -13.62 2.62
CA GLY A 113 -18.85 -15.00 2.82
C GLY A 113 -17.97 -16.06 2.15
N ASN A 114 -17.00 -15.62 1.34
CA ASN A 114 -16.08 -16.54 0.65
C ASN A 114 -16.83 -17.66 -0.06
N PRO A 115 -17.71 -17.30 -1.02
CA PRO A 115 -18.58 -18.30 -1.65
C PRO A 115 -17.89 -19.44 -2.39
N LYS A 116 -16.66 -19.21 -2.88
CA LYS A 116 -15.89 -20.24 -3.58
C LYS A 116 -14.90 -20.96 -2.67
N ASN A 117 -14.96 -20.65 -1.37
N ASN A 117 -14.98 -20.66 -1.37
CA ASN A 117 -14.14 -21.35 -0.39
CA ASN A 117 -14.15 -21.28 -0.33
C ASN A 117 -12.66 -21.32 -0.74
C ASN A 117 -12.67 -21.30 -0.69
N ILE A 118 -12.16 -20.11 -0.98
CA ILE A 118 -10.76 -19.89 -1.30
C ILE A 118 -9.99 -19.94 0.01
N LYS A 119 -8.90 -20.73 0.02
CA LYS A 119 -8.12 -20.95 1.25
C LYS A 119 -6.66 -20.50 1.11
N GLY A 120 -6.27 -19.98 -0.04
CA GLY A 120 -4.91 -19.53 -0.28
C GLY A 120 -4.67 -19.32 -1.76
N ALA A 122 -3.06 -21.26 -3.84
CA ALA A 122 -3.27 -22.48 -4.62
C ALA A 122 -4.70 -22.55 -5.20
N ASP A 123 -5.69 -22.11 -4.45
CA ASP A 123 -7.07 -22.12 -4.95
C ASP A 123 -7.30 -21.18 -6.13
N LEU A 124 -6.46 -20.17 -6.30
N LEU A 124 -6.46 -20.16 -6.30
CA LEU A 124 -6.63 -19.24 -7.38
CA LEU A 124 -6.55 -19.21 -7.42
C LEU A 124 -6.18 -19.82 -8.74
C LEU A 124 -6.01 -19.78 -8.76
N LEU A 125 -5.62 -21.04 -8.73
CA LEU A 125 -5.19 -21.76 -9.94
C LEU A 125 -6.35 -22.56 -10.55
N LYS A 126 -7.49 -22.64 -9.85
CA LYS A 126 -8.63 -23.44 -10.32
C LYS A 126 -9.37 -22.80 -11.50
N PRO A 127 -10.02 -23.64 -12.31
CA PRO A 127 -10.85 -23.07 -13.36
C PRO A 127 -12.00 -22.27 -12.77
N GLY A 128 -12.37 -21.19 -13.44
CA GLY A 128 -13.52 -20.38 -13.05
C GLY A 128 -13.23 -19.26 -12.07
N ILE A 129 -12.00 -19.15 -11.60
CA ILE A 129 -11.61 -18.10 -10.67
C ILE A 129 -11.22 -16.85 -11.46
N GLY A 130 -11.80 -15.71 -11.09
CA GLY A 130 -11.44 -14.42 -11.67
C GLY A 130 -10.68 -13.56 -10.67
N ILE A 131 -9.55 -13.02 -11.11
CA ILE A 131 -8.61 -12.31 -10.22
C ILE A 131 -8.34 -10.90 -10.71
N VAL A 132 -8.27 -9.96 -9.76
CA VAL A 132 -7.77 -8.61 -10.03
C VAL A 132 -6.38 -8.53 -9.32
N VAL A 133 -5.35 -8.07 -10.03
CA VAL A 133 -4.06 -7.75 -9.42
C VAL A 133 -3.76 -6.28 -9.68
N ASN A 134 -2.85 -5.72 -8.87
CA ASN A 134 -2.35 -4.37 -9.14
C ASN A 134 -1.04 -4.44 -9.92
N ASP A 135 -0.94 -3.60 -10.94
CA ASP A 135 0.29 -3.47 -11.73
C ASP A 135 0.27 -2.07 -12.32
N GLY A 136 1.28 -1.26 -11.98
CA GLY A 136 1.38 0.09 -12.46
C GLY A 136 1.63 0.25 -13.93
N ALA A 137 2.06 -0.84 -14.58
CA ALA A 137 2.22 -0.93 -16.02
C ALA A 137 3.12 0.14 -16.60
N GLY A 138 4.06 0.62 -15.82
CA GLY A 138 4.97 1.68 -16.28
C GLY A 138 4.35 3.06 -16.40
N VAL A 139 3.10 3.21 -15.96
CA VAL A 139 2.43 4.52 -16.06
C VAL A 139 1.90 5.07 -14.74
N SER A 140 1.82 4.23 -13.70
N SER A 140 1.93 4.24 -13.71
CA SER A 140 1.43 4.67 -12.35
CA SER A 140 1.44 4.60 -12.41
C SER A 140 2.30 3.99 -11.32
C SER A 140 2.40 4.00 -11.39
N ASN A 141 2.77 4.79 -10.37
CA ASN A 141 3.62 4.27 -9.29
C ASN A 141 2.77 3.77 -8.15
N THR A 142 2.48 2.48 -8.20
CA THR A 142 1.54 1.84 -7.27
C THR A 142 2.25 0.71 -6.53
N SER A 143 1.90 0.53 -5.26
CA SER A 143 2.65 -0.38 -4.42
C SER A 143 2.59 -1.83 -4.78
N GLY A 144 1.53 -2.30 -5.43
CA GLY A 144 1.37 -3.72 -5.65
C GLY A 144 2.05 -4.34 -6.85
N THR A 145 2.75 -3.54 -7.66
CA THR A 145 3.39 -4.09 -8.85
C THR A 145 4.36 -5.21 -8.48
N ALA A 146 4.24 -6.32 -9.18
CA ALA A 146 5.09 -7.52 -9.06
C ALA A 146 4.80 -8.40 -7.82
N VAL A 147 3.82 -8.04 -6.99
CA VAL A 147 3.47 -8.90 -5.86
C VAL A 147 3.00 -10.29 -6.36
N TRP A 148 2.05 -10.32 -7.30
CA TRP A 148 1.49 -11.61 -7.69
C TRP A 148 2.57 -12.51 -8.29
N GLU A 149 3.43 -11.96 -9.14
CA GLU A 149 4.43 -12.84 -9.75
C GLU A 149 5.42 -13.37 -8.72
N ASP A 150 5.76 -12.55 -7.73
CA ASP A 150 6.69 -13.00 -6.71
C ASP A 150 6.10 -14.05 -5.78
N SER A 151 4.84 -13.92 -5.44
CA SER A 151 4.16 -14.95 -4.63
C SER A 151 4.03 -16.27 -5.43
N VAL A 152 3.47 -16.17 -6.64
CA VAL A 152 3.23 -17.37 -7.44
C VAL A 152 4.52 -18.02 -7.88
N GLY A 153 5.55 -17.20 -8.15
CA GLY A 153 6.84 -17.76 -8.53
C GLY A 153 7.45 -18.68 -7.47
N ARG A 154 7.11 -18.47 -6.19
CA ARG A 154 7.63 -19.34 -5.14
C ARG A 154 7.05 -20.75 -5.16
N LYS A 156 7.45 -22.38 -7.85
CA LYS A 156 8.49 -23.02 -8.67
C LYS A 156 7.94 -23.95 -9.74
N ASN A 157 6.93 -23.45 -10.44
CA ASN A 157 6.25 -24.26 -11.43
C ASN A 157 5.63 -23.35 -12.48
N VAL A 158 6.12 -23.42 -13.70
CA VAL A 158 5.65 -22.49 -14.72
C VAL A 158 4.20 -22.76 -15.14
N GLU A 159 3.76 -24.01 -15.06
CA GLU A 159 2.35 -24.32 -15.36
C GLU A 159 1.41 -23.69 -14.34
N LYS A 160 1.87 -23.56 -13.10
CA LYS A 160 1.12 -22.83 -12.08
C LYS A 160 1.09 -21.33 -12.35
N LEU A 161 2.20 -20.77 -12.81
N LEU A 161 2.22 -20.75 -12.78
CA LEU A 161 2.25 -19.37 -13.17
CA LEU A 161 2.25 -19.33 -13.21
C LEU A 161 1.29 -19.12 -14.34
C LEU A 161 1.26 -19.11 -14.35
N GLN A 162 1.28 -20.01 -15.33
CA GLN A 162 0.34 -19.92 -16.46
C GLN A 162 -1.11 -19.99 -15.98
N ALA A 163 -1.42 -20.93 -15.09
CA ALA A 163 -2.78 -21.07 -14.61
C ALA A 163 -3.26 -19.85 -13.86
N PHE A 164 -2.43 -19.32 -12.98
CA PHE A 164 -2.80 -18.12 -12.25
C PHE A 164 -2.97 -16.95 -13.21
N ARG A 165 -2.01 -16.75 -14.10
CA ARG A 165 -2.05 -15.60 -14.99
C ARG A 165 -3.30 -15.64 -15.89
N SER A 166 -3.64 -16.83 -16.37
CA SER A 166 -4.84 -16.99 -17.21
C SER A 166 -6.15 -16.66 -16.49
N ASN A 167 -6.12 -16.66 -15.16
CA ASN A 167 -7.27 -16.28 -14.35
C ASN A 167 -7.29 -14.77 -14.00
N ILE A 168 -6.28 -14.01 -14.41
CA ILE A 168 -6.28 -12.56 -14.14
C ILE A 168 -7.15 -11.84 -15.16
N HIS A 169 -8.23 -11.25 -14.66
CA HIS A 169 -9.17 -10.49 -15.49
C HIS A 169 -8.80 -9.01 -15.62
N VAL A 170 -8.13 -8.47 -14.59
CA VAL A 170 -7.79 -7.05 -14.55
C VAL A 170 -6.42 -6.85 -13.94
N PHE A 171 -5.59 -6.07 -14.65
CA PHE A 171 -4.30 -5.59 -14.17
C PHE A 171 -4.52 -4.09 -13.88
N ALA A 172 -4.85 -3.77 -12.62
CA ALA A 172 -5.27 -2.42 -12.24
C ALA A 172 -4.11 -1.52 -11.86
N PRO A 173 -4.06 -0.30 -12.41
CA PRO A 173 -2.92 0.60 -12.11
C PRO A 173 -2.91 1.28 -10.75
N ASN A 174 -3.99 1.19 -9.97
CA ASN A 174 -4.04 1.86 -8.69
C ASN A 174 -5.11 1.20 -7.81
N SER A 175 -5.28 1.69 -6.59
CA SER A 175 -6.19 1.04 -5.65
C SER A 175 -7.64 1.25 -6.05
N GLY A 176 -8.02 2.45 -6.46
CA GLY A 176 -9.41 2.71 -6.79
C GLY A 176 -9.91 1.89 -7.95
N SER A 177 -9.11 1.75 -8.99
CA SER A 177 -9.53 0.97 -10.14
C SER A 177 -9.65 -0.51 -9.79
N ALA A 178 -8.76 -1.00 -8.93
CA ALA A 178 -8.85 -2.40 -8.51
C ALA A 178 -10.11 -2.63 -7.66
N ARG A 179 -10.36 -1.74 -6.71
CA ARG A 179 -11.53 -1.85 -5.86
C ARG A 179 -12.81 -1.86 -6.69
N LYS A 180 -12.88 -0.95 -7.67
CA LYS A 180 -14.06 -0.85 -8.53
C LYS A 180 -14.25 -2.13 -9.33
N ALA A 181 -13.17 -2.69 -9.88
CA ALA A 181 -13.28 -3.92 -10.65
C ALA A 181 -13.76 -5.06 -9.79
N PHE A 182 -13.29 -5.11 -8.54
CA PHE A 182 -13.70 -6.14 -7.61
C PHE A 182 -15.18 -6.01 -7.23
N VAL A 183 -15.57 -4.81 -6.82
CA VAL A 183 -16.93 -4.59 -6.36
C VAL A 183 -17.96 -4.77 -7.48
N ASP A 184 -17.67 -4.21 -8.66
CA ASP A 184 -18.60 -4.24 -9.78
C ASP A 184 -18.61 -5.50 -10.60
N GLY A 185 -17.59 -6.34 -10.47
CA GLY A 185 -17.45 -7.52 -11.30
C GLY A 185 -17.94 -8.79 -10.65
N GLU A 186 -19.09 -9.29 -11.10
N GLU A 186 -19.09 -9.28 -11.10
CA GLU A 186 -19.65 -10.51 -10.54
CA GLU A 186 -19.63 -10.49 -10.51
C GLU A 186 -18.77 -11.73 -10.78
C GLU A 186 -18.68 -11.68 -10.71
N ASP A 187 -17.91 -11.65 -11.79
CA ASP A 187 -16.99 -12.75 -12.10
C ASP A 187 -15.63 -12.62 -11.38
N ILE A 188 -15.44 -11.54 -10.64
CA ILE A 188 -14.21 -11.35 -9.87
C ILE A 188 -14.39 -11.99 -8.50
N ASP A 189 -13.54 -12.97 -8.20
CA ASP A 189 -13.58 -13.68 -6.95
C ASP A 189 -12.48 -13.29 -5.98
N ALA A 190 -11.44 -12.61 -6.48
CA ALA A 190 -10.28 -12.30 -5.68
C ALA A 190 -9.58 -11.06 -6.15
N TRP A 191 -9.12 -10.26 -5.19
CA TRP A 191 -8.23 -9.11 -5.44
C TRP A 191 -6.99 -9.32 -4.59
N ILE A 192 -5.82 -9.41 -5.23
CA ILE A 192 -4.57 -9.49 -4.49
C ILE A 192 -4.24 -8.06 -4.02
N THR A 193 -4.29 -7.83 -2.71
CA THR A 193 -4.03 -6.51 -2.16
C THR A 193 -3.37 -6.64 -0.82
N TRP A 194 -3.45 -5.61 0.01
CA TRP A 194 -2.75 -5.56 1.30
C TRP A 194 -3.67 -5.82 2.49
N VAL A 195 -3.17 -6.48 3.52
CA VAL A 195 -3.96 -6.75 4.69
C VAL A 195 -4.53 -5.47 5.34
N ASP A 196 -3.77 -4.38 5.29
CA ASP A 196 -4.22 -3.11 5.87
C ASP A 196 -5.44 -2.53 5.15
N TRP A 197 -5.52 -2.77 3.83
CA TRP A 197 -6.70 -2.32 3.08
C TRP A 197 -7.92 -3.12 3.54
N ALA A 198 -7.76 -4.44 3.66
CA ALA A 198 -8.88 -5.30 4.05
C ALA A 198 -9.40 -4.91 5.43
N ILE A 199 -8.49 -4.68 6.38
CA ILE A 199 -8.90 -4.34 7.73
C ILE A 199 -9.62 -3.01 7.79
N ALA A 200 -9.18 -2.04 6.95
CA ALA A 200 -9.83 -0.71 6.91
C ALA A 200 -11.17 -0.72 6.17
N ASN A 201 -11.42 -1.78 5.40
CA ASN A 201 -12.63 -1.86 4.54
C ASN A 201 -13.35 -3.21 4.68
N PRO A 202 -13.74 -3.56 5.91
CA PRO A 202 -14.29 -4.89 6.15
C PRO A 202 -15.65 -5.18 5.52
N THR A 203 -16.40 -4.16 5.13
CA THR A 203 -17.70 -4.42 4.51
C THR A 203 -17.58 -4.77 3.02
N ILE A 204 -16.39 -4.57 2.43
CA ILE A 204 -16.24 -4.76 0.98
C ILE A 204 -15.90 -6.19 0.59
N GLY A 205 -15.15 -6.87 1.42
CA GLY A 205 -14.78 -8.27 1.19
C GLY A 205 -14.18 -8.85 2.44
N ASP A 206 -13.94 -10.16 2.39
CA ASP A 206 -13.28 -10.87 3.48
C ASP A 206 -11.85 -11.16 3.09
N VAL A 208 -8.40 -13.63 3.05
CA VAL A 208 -7.81 -14.97 3.10
C VAL A 208 -6.28 -14.77 3.01
N ARG A 209 -5.54 -15.39 3.94
CA ARG A 209 -4.10 -15.28 3.94
C ARG A 209 -3.48 -16.12 2.82
N GLU A 211 -0.52 -18.67 1.76
CA GLU A 211 0.29 -19.69 2.43
C GLU A 211 1.67 -19.12 2.81
N ASP A 212 2.19 -19.61 3.93
N ASP A 212 2.21 -19.60 3.92
CA ASP A 212 3.49 -19.16 4.43
CA ASP A 212 3.50 -19.11 4.42
C ASP A 212 4.52 -19.11 3.29
C ASP A 212 4.61 -19.18 3.36
N GLU A 213 4.60 -20.22 2.55
CA GLU A 213 5.63 -20.40 1.51
C GLU A 213 5.56 -19.38 0.42
N TYR A 214 4.38 -18.80 0.17
CA TYR A 214 4.20 -17.87 -0.94
C TYR A 214 3.91 -16.44 -0.51
N ARG A 215 3.94 -16.15 0.78
CA ARG A 215 3.57 -14.83 1.26
C ARG A 215 4.62 -13.77 0.90
N ILE A 216 4.11 -12.59 0.58
CA ILE A 216 4.92 -11.43 0.23
C ILE A 216 4.62 -10.32 1.21
N TYR A 217 5.68 -9.70 1.72
N TYR A 217 5.68 -9.71 1.73
CA TYR A 217 5.57 -8.60 2.67
CA TYR A 217 5.62 -8.61 2.69
C TYR A 217 6.28 -7.37 2.13
C TYR A 217 6.29 -7.37 2.12
N ARG A 218 5.64 -6.21 2.20
CA ARG A 218 6.26 -4.94 1.77
C ARG A 218 6.04 -3.90 2.86
N ASP A 219 6.83 -2.84 2.79
CA ASP A 219 6.84 -1.85 3.85
C ASP A 219 6.01 -0.58 3.64
N PHE A 220 5.89 0.13 4.75
CA PHE A 220 5.48 1.52 4.87
C PHE A 220 6.80 2.22 5.16
N ASN A 221 7.06 3.29 4.41
CA ASN A 221 8.31 4.06 4.55
C ASN A 221 8.05 5.54 4.48
N VAL A 222 9.04 6.32 4.90
CA VAL A 222 8.97 7.76 4.83
C VAL A 222 10.33 8.32 4.48
N VAL A 223 10.34 9.46 3.79
CA VAL A 223 11.56 10.23 3.54
C VAL A 223 11.32 11.68 3.94
N LEU A 224 12.18 12.19 4.83
CA LEU A 224 12.13 13.54 5.35
C LEU A 224 12.87 14.47 4.38
N ALA A 225 12.32 15.66 4.16
CA ALA A 225 12.92 16.63 3.27
C ALA A 225 14.30 17.07 3.74
N LYS A 226 15.13 17.47 2.80
CA LYS A 226 16.42 18.06 3.14
C LYS A 226 16.13 19.40 3.89
N ASN A 227 16.98 19.77 4.83
CA ASN A 227 16.77 21.03 5.58
C ASN A 227 15.37 21.08 6.19
N PRO A 228 14.99 20.03 6.94
CA PRO A 228 13.64 19.97 7.46
C PRO A 228 13.35 20.94 8.60
N SER A 229 12.08 21.31 8.76
CA SER A 229 11.67 22.17 9.86
C SER A 229 11.69 21.35 11.16
N SER A 230 11.78 22.04 12.28
CA SER A 230 11.75 21.35 13.56
C SER A 230 10.42 20.59 13.72
N GLU A 231 9.33 21.15 13.20
CA GLU A 231 8.04 20.49 13.31
C GLU A 231 8.03 19.18 12.51
N ALA A 232 8.60 19.22 11.30
CA ALA A 232 8.66 18.03 10.48
C ALA A 232 9.52 16.96 11.15
N ILE A 233 10.65 17.34 11.73
CA ILE A 233 11.51 16.40 12.46
C ILE A 233 10.74 15.75 13.59
N ASP A 234 10.03 16.56 14.37
CA ASP A 234 9.25 16.05 15.50
C ASP A 234 8.21 15.04 15.08
N PHE A 235 7.47 15.33 14.03
CA PHE A 235 6.48 14.37 13.59
C PHE A 235 7.12 13.10 13.01
N PHE A 236 8.17 13.27 12.25
CA PHE A 236 8.93 12.13 11.68
C PHE A 236 9.39 11.21 12.85
N ASP A 237 9.94 11.79 13.91
CA ASP A 237 10.36 10.98 15.06
C ASP A 237 9.22 10.25 15.72
N TYR A 238 8.10 10.92 15.91
CA TYR A 238 6.94 10.34 16.54
C TYR A 238 6.43 9.17 15.70
N LEU A 239 6.22 9.40 14.40
CA LEU A 239 5.73 8.38 13.52
C LEU A 239 6.67 7.19 13.45
N THR A 240 7.96 7.44 13.30
CA THR A 240 8.90 6.34 13.05
C THR A 240 9.33 5.56 14.26
N LYS A 241 9.29 6.17 15.44
CA LYS A 241 9.83 5.55 16.65
C LYS A 241 8.84 5.32 17.78
N SER A 242 7.72 6.04 17.81
N SER A 242 7.73 6.03 17.82
CA SER A 242 6.76 5.91 18.94
CA SER A 242 6.85 5.90 18.99
C SER A 242 6.07 4.55 19.00
C SER A 242 5.97 4.64 19.03
N LYS A 243 5.87 4.07 20.21
CA LYS A 243 5.05 2.89 20.45
C LYS A 243 3.57 3.27 20.19
N ASP A 244 3.19 4.54 20.39
CA ASP A 244 1.83 4.99 20.12
C ASP A 244 1.50 4.83 18.62
N ALA A 245 2.42 5.27 17.77
CA ALA A 245 2.23 5.12 16.32
C ALA A 245 2.25 3.65 15.94
N GLU A 246 3.15 2.88 16.54
CA GLU A 246 3.22 1.45 16.28
C GLU A 246 1.88 0.77 16.61
N ALA A 247 1.27 1.10 17.74
CA ALA A 247 0.00 0.49 18.12
C ALA A 247 -1.12 0.83 17.13
N ILE A 248 -1.17 2.07 16.66
CA ILE A 248 -2.19 2.47 15.68
C ILE A 248 -2.02 1.68 14.39
N PHE A 249 -0.80 1.61 13.87
CA PHE A 249 -0.54 0.85 12.63
C PHE A 249 -0.77 -0.66 12.82
N GLN A 250 -0.44 -1.18 14.01
CA GLN A 250 -0.65 -2.61 14.27
C GLN A 250 -2.11 -3.03 14.16
N HIS A 251 -3.03 -2.13 14.45
CA HIS A 251 -4.45 -2.42 14.30
C HIS A 251 -4.80 -2.86 12.87
N TYR A 252 -4.07 -2.34 11.90
CA TYR A 252 -4.32 -2.64 10.50
C TYR A 252 -3.40 -3.74 9.93
N GLY A 253 -2.71 -4.49 10.79
CA GLY A 253 -1.90 -5.61 10.34
C GLY A 253 -0.42 -5.31 10.12
N TRP A 254 -0.02 -4.07 10.33
CA TRP A 254 1.36 -3.67 10.18
C TRP A 254 2.17 -4.15 11.38
N PHE A 255 3.46 -4.40 11.16
CA PHE A 255 4.34 -4.84 12.23
C PHE A 255 5.75 -4.38 11.97
N LYS A 256 6.56 -4.41 13.02
CA LYS A 256 7.99 -4.14 12.91
C LYS A 256 8.74 -5.43 13.03
#